data_3LXS
#
_entry.id   3LXS
#
_cell.length_a   134.350
_cell.length_b   38.150
_cell.length_c   95.160
_cell.angle_alpha   90.00
_cell.angle_beta   114.36
_cell.angle_gamma   90.00
#
_symmetry.space_group_name_H-M   'C 1 2 1'
#
loop_
_entity.id
_entity.type
_entity.pdbx_description
1 polymer Cruzain
2 non-polymer '(Z)-N-(5-GUANIDINO-1-OXO-1-(5-PHENYL-1-(PHENYLSULFONYL)PENT-1-EN-3-YLAMINO)PENTAN-2-YL)-4-METHYLPIPERAZINE-1-CARBOXAMID E'
3 non-polymer 1,2-ETHANEDIOL
4 non-polymer 'SULFATE ION'
5 water water
#
_entity_poly.entity_id   1
_entity_poly.type   'polypeptide(L)'
_entity_poly.pdbx_seq_one_letter_code
;APAAVDWRARGAVTAVKDQGQCGSCWAFSAIGNVECQWFLAGHPLTNLSEQMLVSCDKTDSGCSGGLMNNAFEWIVQENN
GAVYTEDSYPYASGEGISPPCTTSGHTVGATITGHVELPQDEAQIAAWLAVNGPVAVAVDASSWMTYTGGVMTSCVSEQL
DHGVLLVGYNDSAAVPYWIIKNSWTTQWGEEGYIRIAKGSNQCLVKEEASSAVVG
;
_entity_poly.pdbx_strand_id   A,C
#
loop_
_chem_comp.id
_chem_comp.type
_chem_comp.name
_chem_comp.formula
4MC non-polymer '(Z)-N-(5-GUANIDINO-1-OXO-1-(5-PHENYL-1-(PHENYLSULFONYL)PENT-1-EN-3-YLAMINO)PENTAN-2-YL)-4-METHYLPIPERAZINE-1-CARBOXAMID E' 'C29 H41 N7 O4 S'
EDO non-polymer 1,2-ETHANEDIOL 'C2 H6 O2'
SO4 non-polymer 'SULFATE ION' 'O4 S -2'
#
# COMPACT_ATOMS: atom_id res chain seq x y z
N ALA A 1 -31.05 -5.20 -18.34
CA ALA A 1 -29.73 -5.85 -18.62
C ALA A 1 -29.92 -7.38 -18.46
N PRO A 2 -29.00 -8.20 -18.99
CA PRO A 2 -29.04 -9.63 -18.76
C PRO A 2 -29.07 -9.96 -17.29
N ALA A 3 -29.68 -11.09 -16.95
CA ALA A 3 -29.68 -11.52 -15.55
C ALA A 3 -28.28 -11.80 -15.00
N ALA A 4 -27.38 -12.32 -15.81
CA ALA A 4 -26.06 -12.68 -15.37
C ALA A 4 -25.12 -12.64 -16.55
N VAL A 5 -23.91 -12.17 -16.33
CA VAL A 5 -22.88 -12.12 -17.38
C VAL A 5 -21.57 -12.64 -16.77
N ASP A 6 -20.83 -13.45 -17.50
CA ASP A 6 -19.52 -13.90 -17.07
C ASP A 6 -18.62 -13.88 -18.30
N TRP A 7 -17.81 -12.83 -18.40
CA TRP A 7 -16.93 -12.69 -19.57
C TRP A 7 -15.87 -13.76 -19.66
N ARG A 8 -15.58 -14.47 -18.56
CA ARG A 8 -14.62 -15.59 -18.62
C ARG A 8 -15.16 -16.72 -19.46
N ALA A 9 -16.47 -16.97 -19.32
CA ALA A 9 -17.12 -18.02 -20.07
C ALA A 9 -17.14 -17.72 -21.58
N ARG A 10 -17.04 -16.44 -21.90
CA ARG A 10 -17.06 -15.98 -23.26
C ARG A 10 -15.67 -15.90 -23.88
N GLY A 11 -14.62 -16.32 -23.12
CA GLY A 11 -13.27 -16.41 -23.68
C GLY A 11 -12.58 -15.06 -23.72
N ALA A 12 -13.08 -14.08 -22.96
CA ALA A 12 -12.61 -12.69 -23.06
C ALA A 12 -11.60 -12.27 -22.02
N VAL A 13 -11.23 -13.17 -21.11
CA VAL A 13 -10.39 -12.80 -19.96
C VAL A 13 -9.15 -13.71 -19.93
N THR A 14 -7.96 -13.11 -19.86
CA THR A 14 -6.74 -13.89 -19.81
C THR A 14 -6.57 -14.52 -18.40
N ALA A 15 -5.55 -15.33 -18.25
CA ALA A 15 -5.26 -15.98 -16.98
C ALA A 15 -5.07 -14.98 -15.85
N VAL A 16 -5.33 -15.44 -14.64
CA VAL A 16 -5.02 -14.68 -13.43
C VAL A 16 -3.51 -14.56 -13.27
N LYS A 17 -3.06 -13.34 -13.01
CA LYS A 17 -1.66 -13.01 -12.87
C LYS A 17 -1.25 -12.83 -11.40
N ASP A 18 0.01 -12.48 -11.24
CA ASP A 18 0.66 -12.33 -9.96
C ASP A 18 1.49 -11.07 -9.97
N GLN A 19 1.05 -10.06 -9.23
CA GLN A 19 1.81 -8.84 -9.09
C GLN A 19 3.11 -9.06 -8.30
N GLY A 20 3.20 -10.12 -7.54
CA GLY A 20 4.34 -10.28 -6.68
C GLY A 20 4.37 -9.26 -5.59
N GLN A 21 5.59 -9.00 -5.10
CA GLN A 21 5.79 -8.13 -3.96
C GLN A 21 5.99 -6.71 -4.44
N CYS A 22 4.94 -6.18 -5.08
CA CYS A 22 4.96 -4.89 -5.75
C CYS A 22 3.53 -4.35 -5.77
N GLY A 23 3.34 -3.09 -5.42
CA GLY A 23 2.03 -2.44 -5.44
C GLY A 23 1.59 -1.96 -6.82
N SER A 24 1.68 -2.86 -7.81
CA SER A 24 1.37 -2.55 -9.20
C SER A 24 -0.05 -2.96 -9.58
N CYS A 25 -0.89 -3.22 -8.58
CA CYS A 25 -2.28 -3.60 -8.79
C CYS A 25 -2.99 -2.69 -9.82
N TRP A 26 -2.74 -1.40 -9.80
CA TRP A 26 -3.31 -0.42 -10.72
C TRP A 26 -2.98 -0.77 -12.18
N ALA A 27 -1.76 -1.24 -12.43
CA ALA A 27 -1.31 -1.61 -13.76
C ALA A 27 -1.92 -2.91 -14.20
N PHE A 28 -2.09 -3.86 -13.26
CA PHE A 28 -2.77 -5.10 -13.58
C PHE A 28 -4.24 -4.89 -13.91
N SER A 29 -4.91 -4.02 -13.16
CA SER A 29 -6.29 -3.65 -13.45
C SER A 29 -6.46 -2.97 -14.83
N ALA A 30 -5.60 -2.00 -15.16
CA ALA A 30 -5.71 -1.27 -16.39
C ALA A 30 -5.40 -2.21 -17.55
N ILE A 31 -4.34 -3.00 -17.45
CA ILE A 31 -3.96 -3.92 -18.50
C ILE A 31 -5.00 -5.01 -18.73
N GLY A 32 -5.56 -5.56 -17.65
CA GLY A 32 -6.56 -6.61 -17.83
C GLY A 32 -7.75 -6.06 -18.60
N ASN A 33 -8.14 -4.84 -18.27
CA ASN A 33 -9.23 -4.13 -19.02
C ASN A 33 -8.87 -4.00 -20.50
N VAL A 34 -7.66 -3.55 -20.81
CA VAL A 34 -7.26 -3.41 -22.22
C VAL A 34 -7.29 -4.75 -22.94
N GLU A 35 -6.77 -5.79 -22.28
CA GLU A 35 -6.79 -7.09 -22.89
C GLU A 35 -8.20 -7.52 -23.32
N CYS A 36 -9.16 -7.30 -22.40
CA CYS A 36 -10.52 -7.71 -22.65
C CYS A 36 -11.16 -6.86 -23.78
N GLN A 37 -10.92 -5.57 -23.70
CA GLN A 37 -11.48 -4.64 -24.71
C GLN A 37 -10.91 -4.93 -26.12
N TRP A 38 -9.65 -5.27 -26.20
CA TRP A 38 -9.02 -5.60 -27.48
C TRP A 38 -9.67 -6.87 -28.05
N PHE A 39 -9.80 -7.93 -27.23
CA PHE A 39 -10.52 -9.13 -27.65
C PHE A 39 -11.91 -8.78 -28.15
N LEU A 40 -12.63 -7.94 -27.41
CA LEU A 40 -14.03 -7.69 -27.75
C LEU A 40 -14.23 -6.82 -29.00
N ALA A 41 -13.13 -6.24 -29.49
CA ALA A 41 -13.13 -5.54 -30.76
C ALA A 41 -12.78 -6.49 -31.94
N GLY A 42 -12.74 -7.78 -31.66
CA GLY A 42 -12.61 -8.82 -32.69
C GLY A 42 -11.21 -9.39 -32.88
N HIS A 43 -10.27 -8.95 -32.02
CA HIS A 43 -8.88 -9.45 -32.06
C HIS A 43 -8.62 -10.67 -31.14
N PRO A 44 -7.57 -11.48 -31.39
CA PRO A 44 -7.24 -12.59 -30.50
C PRO A 44 -6.94 -12.08 -29.09
N LEU A 45 -7.34 -12.84 -28.10
CA LEU A 45 -7.01 -12.61 -26.71
C LEU A 45 -5.52 -12.76 -26.53
N THR A 46 -4.92 -11.70 -26.00
CA THR A 46 -3.45 -11.57 -25.91
C THR A 46 -3.06 -10.98 -24.57
N ASN A 47 -2.08 -11.56 -23.89
CA ASN A 47 -1.52 -10.95 -22.66
C ASN A 47 -0.75 -9.68 -23.02
N LEU A 48 -0.99 -8.64 -22.26
CA LEU A 48 -0.35 -7.34 -22.51
C LEU A 48 0.55 -6.96 -21.33
N SER A 49 1.27 -5.84 -21.48
CA SER A 49 2.40 -5.55 -20.59
C SER A 49 2.09 -4.61 -19.42
N GLU A 50 1.97 -5.17 -18.22
CA GLU A 50 1.90 -4.40 -17.01
C GLU A 50 3.22 -3.67 -16.79
N GLN A 51 4.34 -4.28 -17.18
CA GLN A 51 5.64 -3.66 -16.97
C GLN A 51 5.76 -2.35 -17.69
N MET A 52 5.19 -2.25 -18.89
CA MET A 52 5.19 -1.00 -19.64
C MET A 52 4.69 0.13 -18.76
N LEU A 53 3.55 -0.09 -18.12
CA LEU A 53 3.02 0.90 -17.22
C LEU A 53 3.90 1.13 -15.99
N VAL A 54 4.24 0.06 -15.30
CA VAL A 54 5.02 0.22 -14.04
C VAL A 54 6.30 1.01 -14.29
N SER A 55 7.01 0.68 -15.38
CA SER A 55 8.30 1.35 -15.65
C SER A 55 8.14 2.72 -16.31
N CYS A 56 7.17 2.87 -17.22
CA CYS A 56 7.17 4.03 -18.09
C CYS A 56 6.17 5.13 -17.79
N ASP A 57 5.10 4.79 -17.07
CA ASP A 57 4.06 5.76 -16.74
C ASP A 57 4.46 6.56 -15.52
N LYS A 58 5.05 7.72 -15.74
CA LYS A 58 5.52 8.52 -14.62
C LYS A 58 4.47 9.38 -13.95
N THR A 59 3.21 9.31 -14.41
CA THR A 59 2.12 9.96 -13.69
C THR A 59 1.60 9.04 -12.58
N ASP A 60 2.14 7.83 -12.55
CA ASP A 60 1.87 6.88 -11.49
C ASP A 60 3.15 6.51 -10.80
N SER A 61 3.08 5.68 -9.75
CA SER A 61 4.21 5.47 -8.85
C SER A 61 4.68 4.03 -8.77
N GLY A 62 4.65 3.33 -9.91
CA GLY A 62 5.26 2.02 -9.96
C GLY A 62 4.80 1.04 -8.88
N CYS A 63 5.75 0.49 -8.12
CA CYS A 63 5.41 -0.49 -7.07
C CYS A 63 4.83 0.19 -5.81
N SER A 64 4.72 1.51 -5.83
CA SER A 64 4.11 2.31 -4.77
C SER A 64 2.73 2.85 -5.11
N GLY A 65 2.14 2.39 -6.21
CA GLY A 65 0.70 2.58 -6.46
C GLY A 65 0.42 3.53 -7.62
N GLY A 66 -0.85 3.67 -7.97
CA GLY A 66 -1.26 4.41 -9.13
C GLY A 66 -2.77 4.45 -9.26
N LEU A 67 -3.23 5.09 -10.34
CA LEU A 67 -4.64 5.22 -10.68
C LEU A 67 -4.82 4.60 -12.07
N MET A 68 -5.81 3.73 -12.24
CA MET A 68 -6.08 3.19 -13.56
C MET A 68 -6.44 4.31 -14.55
N ASN A 69 -7.18 5.32 -14.12
CA ASN A 69 -7.48 6.43 -15.02
C ASN A 69 -6.25 7.18 -15.48
N ASN A 70 -5.28 7.35 -14.58
CA ASN A 70 -3.99 7.94 -14.98
C ASN A 70 -3.33 7.01 -16.02
N ALA A 71 -3.32 5.67 -15.81
CA ALA A 71 -2.68 4.72 -16.73
C ALA A 71 -3.33 4.83 -18.13
N PHE A 72 -4.65 4.88 -18.20
CA PHE A 72 -5.30 4.98 -19.51
C PHE A 72 -4.93 6.28 -20.21
N GLU A 73 -4.87 7.38 -19.47
CA GLU A 73 -4.53 8.68 -20.03
C GLU A 73 -3.08 8.67 -20.49
N TRP A 74 -2.16 8.05 -19.71
CA TRP A 74 -0.75 7.92 -20.15
C TRP A 74 -0.66 7.18 -21.45
N ILE A 75 -1.33 6.05 -21.56
CA ILE A 75 -1.27 5.23 -22.77
C ILE A 75 -1.65 6.10 -23.97
N VAL A 76 -2.76 6.78 -23.88
CA VAL A 76 -3.25 7.62 -25.00
C VAL A 76 -2.38 8.84 -25.26
N GLN A 77 -2.04 9.57 -24.21
CA GLN A 77 -1.43 10.90 -24.40
C GLN A 77 0.05 10.82 -24.54
N GLU A 78 0.67 9.88 -23.87
CA GLU A 78 2.13 9.73 -23.91
C GLU A 78 2.61 8.55 -24.70
N ASN A 79 1.78 7.56 -24.99
CA ASN A 79 2.23 6.42 -25.73
C ASN A 79 1.40 6.18 -27.00
N ASN A 80 0.69 7.23 -27.42
CA ASN A 80 -0.03 7.23 -28.72
C ASN A 80 -0.98 6.04 -28.86
N GLY A 81 -1.54 5.64 -27.73
CA GLY A 81 -2.51 4.53 -27.69
C GLY A 81 -1.92 3.13 -27.59
N ALA A 82 -0.59 2.98 -27.70
CA ALA A 82 0.03 1.70 -27.83
C ALA A 82 0.19 0.98 -26.48
N VAL A 83 -0.12 -0.29 -26.50
CA VAL A 83 0.09 -1.15 -25.33
C VAL A 83 0.89 -2.38 -25.79
N TYR A 84 2.09 -2.57 -25.26
CA TYR A 84 2.95 -3.68 -25.66
C TYR A 84 2.48 -5.04 -25.18
N THR A 85 2.88 -6.09 -25.91
CA THR A 85 2.61 -7.45 -25.50
C THR A 85 3.41 -7.80 -24.24
N GLU A 86 2.85 -8.70 -23.45
CA GLU A 86 3.60 -9.24 -22.33
C GLU A 86 4.86 -9.93 -22.82
N ASP A 87 4.80 -10.70 -23.89
CA ASP A 87 5.95 -11.49 -24.30
C ASP A 87 7.11 -10.60 -24.65
N SER A 88 6.83 -9.45 -25.23
CA SER A 88 7.89 -8.53 -25.66
C SER A 88 8.32 -7.54 -24.58
N TYR A 89 7.53 -7.39 -23.51
CA TYR A 89 7.89 -6.47 -22.43
C TYR A 89 7.43 -7.16 -21.12
N PRO A 90 8.13 -8.23 -20.72
CA PRO A 90 7.63 -9.10 -19.67
C PRO A 90 7.72 -8.49 -18.28
N TYR A 91 6.87 -8.98 -17.39
CA TYR A 91 6.82 -8.44 -16.05
C TYR A 91 8.09 -8.79 -15.30
N ALA A 92 8.68 -7.79 -14.66
CA ALA A 92 9.94 -7.90 -14.03
C ALA A 92 9.99 -7.29 -12.65
N SER A 93 8.85 -6.92 -12.10
CA SER A 93 8.81 -6.21 -10.82
C SER A 93 8.32 -7.04 -9.62
N GLY A 94 8.25 -8.34 -9.75
CA GLY A 94 7.68 -9.18 -8.70
C GLY A 94 8.48 -9.22 -7.41
N GLU A 95 9.71 -8.74 -7.42
CA GLU A 95 10.48 -8.56 -6.15
C GLU A 95 10.55 -7.12 -5.69
N GLY A 96 9.72 -6.26 -6.26
CA GLY A 96 9.58 -4.89 -5.78
C GLY A 96 10.39 -3.83 -6.49
N ILE A 97 11.18 -4.26 -7.46
CA ILE A 97 12.04 -3.36 -8.18
C ILE A 97 11.66 -3.37 -9.63
N SER A 98 11.31 -2.19 -10.11
CA SER A 98 10.88 -1.99 -11.50
C SER A 98 12.08 -1.52 -12.32
N PRO A 99 12.44 -2.26 -13.39
CA PRO A 99 13.56 -1.77 -14.19
C PRO A 99 13.24 -0.46 -14.92
N PRO A 100 14.26 0.27 -15.33
CA PRO A 100 14.06 1.51 -16.06
C PRO A 100 13.21 1.31 -17.31
N CYS A 101 12.45 2.35 -17.65
CA CYS A 101 11.60 2.38 -18.88
C CYS A 101 12.48 2.13 -20.12
N THR A 102 12.00 1.27 -21.02
CA THR A 102 12.63 1.03 -22.36
C THR A 102 11.53 1.09 -23.42
N THR A 103 11.91 1.54 -24.63
CA THR A 103 10.97 1.71 -25.78
C THR A 103 11.30 0.74 -26.91
N SER A 104 12.56 0.74 -27.33
CA SER A 104 12.94 -0.12 -28.41
C SER A 104 12.89 -1.56 -27.95
N GLY A 105 12.59 -2.45 -28.88
CA GLY A 105 12.53 -3.86 -28.63
C GLY A 105 11.19 -4.46 -28.30
N HIS A 106 10.22 -3.61 -28.07
CA HIS A 106 8.88 -4.05 -27.68
C HIS A 106 7.91 -4.02 -28.86
N THR A 107 6.93 -4.90 -28.81
CA THR A 107 5.99 -5.12 -29.88
C THR A 107 4.61 -4.68 -29.42
N VAL A 108 3.93 -3.82 -30.16
CA VAL A 108 2.60 -3.36 -29.81
C VAL A 108 1.59 -4.51 -29.98
N GLY A 109 0.89 -4.82 -28.88
CA GLY A 109 -0.15 -5.84 -28.90
C GLY A 109 -1.58 -5.31 -29.09
N ALA A 110 -1.83 -4.09 -28.66
CA ALA A 110 -3.19 -3.50 -28.71
C ALA A 110 -3.09 -2.01 -28.80
N THR A 111 -4.12 -1.33 -29.29
CA THR A 111 -4.17 0.10 -29.36
C THR A 111 -5.48 0.56 -28.78
N ILE A 112 -5.46 1.62 -27.98
CA ILE A 112 -6.66 2.24 -27.44
C ILE A 112 -6.72 3.70 -27.88
N THR A 113 -7.91 4.26 -27.93
CA THR A 113 -8.11 5.62 -28.39
C THR A 113 -8.49 6.60 -27.26
N GLY A 114 -8.84 6.05 -26.10
CA GLY A 114 -9.32 6.88 -25.00
C GLY A 114 -9.80 5.99 -23.87
N HIS A 115 -10.51 6.59 -22.92
CA HIS A 115 -11.12 5.77 -21.87
C HIS A 115 -12.37 6.48 -21.39
N VAL A 116 -13.29 5.71 -20.82
CA VAL A 116 -14.49 6.26 -20.25
C VAL A 116 -14.51 6.05 -18.75
N GLU A 117 -15.07 7.02 -18.04
CA GLU A 117 -15.25 6.94 -16.60
C GLU A 117 -16.74 6.75 -16.39
N LEU A 118 -17.12 5.64 -15.77
CA LEU A 118 -18.50 5.23 -15.68
C LEU A 118 -19.22 5.87 -14.51
N PRO A 119 -20.56 5.97 -14.59
CA PRO A 119 -21.30 6.51 -13.46
C PRO A 119 -21.05 5.74 -12.17
N GLN A 120 -21.17 6.45 -11.03
CA GLN A 120 -21.01 5.83 -9.71
C GLN A 120 -22.36 5.19 -9.33
N ASP A 121 -22.69 4.11 -10.01
CA ASP A 121 -24.02 3.52 -9.98
C ASP A 121 -23.87 2.07 -10.42
N GLU A 122 -24.11 1.10 -9.51
CA GLU A 122 -23.86 -0.30 -9.79
C GLU A 122 -24.73 -0.85 -10.94
N ALA A 123 -26.00 -0.45 -11.02
CA ALA A 123 -26.85 -0.93 -12.10
C ALA A 123 -26.33 -0.41 -13.42
N GLN A 124 -25.94 0.87 -13.50
CA GLN A 124 -25.43 1.40 -14.77
C GLN A 124 -24.11 0.75 -15.15
N ILE A 125 -23.27 0.46 -14.18
CA ILE A 125 -22.00 -0.24 -14.47
C ILE A 125 -22.27 -1.63 -15.02
N ALA A 126 -23.18 -2.35 -14.41
CA ALA A 126 -23.57 -3.71 -14.84
C ALA A 126 -24.10 -3.68 -16.27
N ALA A 127 -24.96 -2.71 -16.56
CA ALA A 127 -25.56 -2.66 -17.88
C ALA A 127 -24.50 -2.35 -18.93
N TRP A 128 -23.59 -1.44 -18.59
CA TRP A 128 -22.49 -1.13 -19.46
C TRP A 128 -21.60 -2.37 -19.70
N LEU A 129 -21.25 -3.08 -18.64
CA LEU A 129 -20.44 -4.26 -18.72
C LEU A 129 -21.03 -5.37 -19.58
N ALA A 130 -22.35 -5.54 -19.49
CA ALA A 130 -22.99 -6.57 -20.31
C ALA A 130 -22.79 -6.35 -21.80
N VAL A 131 -22.84 -5.08 -22.23
CA VAL A 131 -22.73 -4.72 -23.65
C VAL A 131 -21.24 -4.51 -24.05
N ASN A 132 -20.45 -3.91 -23.16
CA ASN A 132 -19.16 -3.40 -23.54
C ASN A 132 -17.97 -4.12 -22.89
N GLY A 133 -18.19 -5.04 -21.98
CA GLY A 133 -17.15 -5.84 -21.40
C GLY A 133 -16.60 -5.45 -20.06
N PRO A 134 -15.58 -6.18 -19.62
CA PRO A 134 -14.98 -5.95 -18.27
C PRO A 134 -14.53 -4.55 -18.02
N VAL A 135 -14.66 -4.14 -16.76
CA VAL A 135 -14.48 -2.79 -16.28
C VAL A 135 -13.41 -2.74 -15.18
N ALA A 136 -12.47 -1.82 -15.31
CA ALA A 136 -11.48 -1.61 -14.24
C ALA A 136 -12.16 -0.91 -13.08
N VAL A 137 -11.93 -1.37 -11.86
CA VAL A 137 -12.49 -0.69 -10.70
C VAL A 137 -11.48 -0.56 -9.59
N ALA A 138 -11.54 0.57 -8.88
CA ALA A 138 -10.81 0.68 -7.61
C ALA A 138 -11.70 0.19 -6.50
N VAL A 139 -11.08 -0.45 -5.50
CA VAL A 139 -11.81 -0.96 -4.36
C VAL A 139 -11.02 -0.76 -3.09
N ASP A 140 -11.71 -0.84 -1.96
CA ASP A 140 -11.05 -1.10 -0.68
C ASP A 140 -10.92 -2.60 -0.52
N ALA A 141 -9.70 -3.15 -0.63
CA ALA A 141 -9.44 -4.55 -0.50
C ALA A 141 -8.73 -4.88 0.81
N SER A 142 -8.71 -3.94 1.72
CA SER A 142 -8.09 -4.18 3.03
C SER A 142 -8.62 -5.39 3.76
N SER A 143 -9.93 -5.66 3.60
CA SER A 143 -10.57 -6.78 4.28
C SER A 143 -10.59 -8.06 3.48
N TRP A 144 -9.72 -8.15 2.46
CA TRP A 144 -9.67 -9.33 1.58
C TRP A 144 -8.56 -10.35 1.92
N MET A 145 -7.91 -10.15 3.05
CA MET A 145 -6.71 -10.92 3.36
C MET A 145 -7.00 -12.36 3.68
N THR A 146 -8.15 -12.66 4.22
CA THR A 146 -8.43 -14.09 4.51
C THR A 146 -9.49 -14.71 3.64
N TYR A 147 -9.90 -14.01 2.59
CA TYR A 147 -10.93 -14.52 1.72
C TYR A 147 -10.50 -15.81 1.01
N THR A 148 -11.33 -16.84 1.14
CA THR A 148 -11.10 -18.05 0.45
C THR A 148 -12.25 -18.50 -0.41
N GLY A 149 -13.35 -17.77 -0.41
CA GLY A 149 -14.50 -18.16 -1.21
C GLY A 149 -15.82 -17.63 -0.64
N GLY A 150 -16.87 -17.69 -1.44
CA GLY A 150 -18.20 -17.21 -1.08
C GLY A 150 -18.46 -15.81 -1.54
N VAL A 151 -19.63 -15.31 -1.23
CA VAL A 151 -19.99 -13.96 -1.62
C VAL A 151 -19.81 -13.04 -0.41
N MET A 152 -18.91 -12.07 -0.57
CA MET A 152 -18.60 -11.19 0.53
C MET A 152 -19.72 -10.17 0.74
N THR A 153 -20.23 -10.06 1.99
CA THR A 153 -21.33 -9.16 2.27
C THR A 153 -21.02 -8.08 3.32
N SER A 154 -19.80 -8.06 3.86
CA SER A 154 -19.41 -6.99 4.78
C SER A 154 -18.02 -6.49 4.51
N CYS A 155 -17.74 -6.33 3.22
CA CYS A 155 -16.46 -5.73 2.82
C CYS A 155 -16.27 -4.40 3.53
N VAL A 156 -15.07 -4.18 4.08
CA VAL A 156 -14.74 -2.89 4.70
C VAL A 156 -14.59 -1.91 3.55
N SER A 157 -15.42 -0.88 3.57
CA SER A 157 -15.62 0.06 2.47
C SER A 157 -15.29 1.50 2.86
N GLU A 158 -13.99 1.78 3.01
CA GLU A 158 -13.57 3.01 3.66
C GLU A 158 -12.55 3.83 2.87
N GLN A 159 -11.60 3.12 2.21
CA GLN A 159 -10.53 3.81 1.49
C GLN A 159 -10.15 3.00 0.26
N LEU A 160 -10.24 3.62 -0.91
CA LEU A 160 -9.80 2.96 -2.13
C LEU A 160 -8.33 2.71 -2.00
N ASP A 161 -7.94 1.45 -2.22
CA ASP A 161 -6.55 1.04 -1.98
C ASP A 161 -6.02 -0.05 -2.94
N HIS A 162 -6.83 -0.43 -3.92
CA HIS A 162 -6.53 -1.53 -4.80
C HIS A 162 -7.27 -1.31 -6.12
N GLY A 163 -6.75 -1.92 -7.17
CA GLY A 163 -7.37 -1.92 -8.48
C GLY A 163 -7.53 -3.36 -8.96
N VAL A 164 -8.72 -3.69 -9.49
CA VAL A 164 -9.10 -5.03 -9.91
C VAL A 164 -9.96 -4.91 -11.16
N LEU A 165 -10.51 -6.02 -11.64
CA LEU A 165 -11.29 -6.01 -12.89
C LEU A 165 -12.63 -6.70 -12.69
N LEU A 166 -13.72 -5.96 -12.93
CA LEU A 166 -15.03 -6.58 -12.95
C LEU A 166 -15.15 -7.39 -14.22
N VAL A 167 -15.44 -8.68 -14.07
CA VAL A 167 -15.61 -9.54 -15.25
C VAL A 167 -17.04 -10.10 -15.40
N GLY A 168 -17.94 -9.84 -14.46
CA GLY A 168 -19.29 -10.31 -14.64
C GLY A 168 -20.08 -9.99 -13.40
N TYR A 169 -21.31 -10.51 -13.39
CA TYR A 169 -22.22 -10.34 -12.27
C TYR A 169 -23.29 -11.43 -12.36
N ASN A 170 -24.04 -11.60 -11.28
CA ASN A 170 -25.21 -12.48 -11.29
C ASN A 170 -26.30 -11.85 -10.45
N ASP A 171 -27.34 -11.30 -11.10
CA ASP A 171 -28.49 -10.73 -10.40
C ASP A 171 -29.56 -11.74 -9.98
N SER A 172 -29.45 -12.95 -10.46
CA SER A 172 -30.41 -14.05 -10.14
C SER A 172 -30.10 -14.81 -8.87
N ALA A 173 -28.87 -14.76 -8.40
CA ALA A 173 -28.49 -15.45 -7.20
C ALA A 173 -29.21 -14.90 -5.96
N ALA A 174 -29.32 -15.74 -4.94
CA ALA A 174 -29.95 -15.41 -3.68
C ALA A 174 -29.35 -14.13 -3.12
N VAL A 175 -28.03 -14.05 -3.19
CA VAL A 175 -27.31 -12.84 -2.90
C VAL A 175 -26.63 -12.39 -4.20
N PRO A 176 -27.19 -11.38 -4.89
CA PRO A 176 -26.59 -10.95 -6.16
C PRO A 176 -25.14 -10.58 -5.94
N TYR A 177 -24.29 -10.84 -6.93
CA TYR A 177 -22.88 -10.58 -6.76
C TYR A 177 -22.18 -10.10 -8.05
N TRP A 178 -21.04 -9.44 -7.85
CA TRP A 178 -20.06 -9.13 -8.87
C TRP A 178 -19.00 -10.22 -8.88
N ILE A 179 -18.40 -10.48 -10.05
CA ILE A 179 -17.29 -11.37 -10.19
C ILE A 179 -16.07 -10.55 -10.55
N ILE A 180 -15.01 -10.68 -9.76
CA ILE A 180 -13.83 -9.81 -9.84
C ILE A 180 -12.59 -10.63 -10.02
N LYS A 181 -11.78 -10.23 -11.02
CA LYS A 181 -10.46 -10.79 -11.25
C LYS A 181 -9.44 -10.05 -10.42
N ASN A 182 -8.73 -10.77 -9.56
CA ASN A 182 -7.67 -10.18 -8.78
C ASN A 182 -6.32 -10.61 -9.42
N SER A 183 -5.21 -10.09 -8.88
CA SER A 183 -3.88 -10.28 -9.41
C SER A 183 -2.95 -10.78 -8.33
N TRP A 184 -3.46 -11.71 -7.52
CA TRP A 184 -2.74 -12.27 -6.39
C TRP A 184 -2.57 -13.78 -6.52
N THR A 185 -2.39 -14.25 -7.75
CA THR A 185 -2.31 -15.67 -8.14
C THR A 185 -3.65 -16.40 -8.10
N THR A 186 -3.70 -17.59 -8.68
CA THR A 186 -4.88 -18.44 -8.56
C THR A 186 -5.00 -19.13 -7.21
N GLN A 187 -4.01 -19.00 -6.34
CA GLN A 187 -4.09 -19.62 -5.01
C GLN A 187 -4.91 -18.80 -4.03
N TRP A 188 -5.22 -17.56 -4.39
CA TRP A 188 -6.02 -16.67 -3.57
C TRP A 188 -7.46 -16.78 -4.04
N GLY A 189 -8.39 -16.78 -3.10
CA GLY A 189 -9.80 -16.69 -3.45
C GLY A 189 -10.31 -17.86 -4.22
N GLU A 190 -11.19 -17.59 -5.16
CA GLU A 190 -11.82 -18.63 -5.96
C GLU A 190 -11.02 -18.72 -7.27
N GLU A 191 -9.95 -19.47 -7.24
CA GLU A 191 -9.05 -19.56 -8.39
C GLU A 191 -8.60 -18.17 -8.87
N GLY A 192 -8.32 -17.30 -7.93
CA GLY A 192 -7.86 -15.97 -8.22
C GLY A 192 -8.91 -14.89 -8.32
N TYR A 193 -10.19 -15.26 -8.22
CA TYR A 193 -11.31 -14.38 -8.32
C TYR A 193 -11.96 -14.20 -6.95
N ILE A 194 -12.74 -13.13 -6.84
CA ILE A 194 -13.58 -12.94 -5.65
C ILE A 194 -14.99 -12.55 -6.12
N ARG A 195 -16.01 -13.05 -5.40
CA ARG A 195 -17.38 -12.52 -5.54
C ARG A 195 -17.68 -11.62 -4.36
N ILE A 196 -18.06 -10.39 -4.66
CA ILE A 196 -18.59 -9.47 -3.65
C ILE A 196 -20.06 -9.20 -3.94
N ALA A 197 -20.81 -8.96 -2.89
CA ALA A 197 -22.23 -8.70 -3.08
C ALA A 197 -22.41 -7.48 -3.95
N LYS A 198 -23.50 -7.45 -4.71
CA LYS A 198 -23.79 -6.40 -5.68
C LYS A 198 -25.09 -5.67 -5.23
N GLY A 199 -25.00 -4.35 -5.16
CA GLY A 199 -26.13 -3.50 -4.77
C GLY A 199 -25.90 -2.62 -3.57
N SER A 200 -24.83 -2.88 -2.84
CA SER A 200 -24.54 -2.22 -1.57
C SER A 200 -23.21 -1.51 -1.52
N ASN A 201 -22.70 -1.17 -2.70
CA ASN A 201 -21.39 -0.53 -2.83
C ASN A 201 -20.29 -1.22 -2.01
N GLN A 202 -20.29 -2.54 -2.04
CA GLN A 202 -19.26 -3.30 -1.36
C GLN A 202 -17.90 -2.84 -1.81
N CYS A 203 -17.03 -2.58 -0.84
CA CYS A 203 -15.64 -2.25 -1.14
C CYS A 203 -15.52 -0.95 -1.95
N LEU A 204 -16.57 -0.13 -1.98
CA LEU A 204 -16.60 1.09 -2.76
C LEU A 204 -16.44 0.82 -4.27
N VAL A 205 -16.96 -0.31 -4.71
CA VAL A 205 -16.77 -0.79 -6.07
C VAL A 205 -17.34 0.16 -7.12
N LYS A 206 -18.31 1.01 -6.80
CA LYS A 206 -18.89 1.89 -7.79
C LYS A 206 -18.14 3.16 -7.98
N GLU A 207 -17.16 3.45 -7.14
CA GLU A 207 -16.69 4.83 -7.02
C GLU A 207 -15.73 5.27 -8.12
N GLU A 208 -14.97 4.32 -8.66
CA GLU A 208 -13.92 4.65 -9.65
C GLU A 208 -13.86 3.54 -10.69
N ALA A 209 -14.91 3.45 -11.49
CA ALA A 209 -15.05 2.45 -12.51
C ALA A 209 -14.76 3.07 -13.86
N SER A 210 -13.94 2.38 -14.66
CA SER A 210 -13.58 2.93 -15.97
C SER A 210 -13.16 1.85 -16.96
N SER A 211 -13.05 2.24 -18.24
CA SER A 211 -12.62 1.31 -19.26
C SER A 211 -11.90 2.01 -20.35
N ALA A 212 -10.88 1.33 -20.89
CA ALA A 212 -10.29 1.74 -22.18
C ALA A 212 -11.34 1.66 -23.27
N VAL A 213 -11.11 2.44 -24.32
CA VAL A 213 -11.91 2.41 -25.54
C VAL A 213 -10.99 1.99 -26.65
N VAL A 214 -11.42 0.99 -27.39
CA VAL A 214 -10.73 0.50 -28.60
C VAL A 214 -11.50 1.02 -29.79
N GLY A 215 -10.79 1.66 -30.71
CA GLY A 215 -11.42 2.12 -31.95
C GLY A 215 -12.15 3.42 -31.83
N ALA B 1 28.49 16.15 17.40
CA ALA B 1 27.60 14.95 17.62
C ALA B 1 28.43 13.71 17.81
N PRO B 2 27.88 12.68 18.47
CA PRO B 2 28.58 11.43 18.62
C PRO B 2 28.90 10.75 17.29
N ALA B 3 29.97 9.95 17.28
CA ALA B 3 30.29 9.15 16.09
C ALA B 3 29.24 8.08 15.77
N ALA B 4 28.63 7.49 16.79
CA ALA B 4 27.68 6.38 16.59
C ALA B 4 26.72 6.41 17.77
N VAL B 5 25.43 6.18 17.53
CA VAL B 5 24.43 6.13 18.60
C VAL B 5 23.56 4.93 18.28
N ASP B 6 23.18 4.16 19.29
CA ASP B 6 22.25 3.04 19.11
C ASP B 6 21.32 2.98 20.30
N TRP B 7 20.13 3.55 20.14
CA TRP B 7 19.20 3.63 21.24
C TRP B 7 18.73 2.28 21.78
N ARG B 8 18.87 1.21 20.98
CA ARG B 8 18.52 -0.12 21.48
C ARG B 8 19.42 -0.53 22.60
N ALA B 9 20.73 -0.25 22.44
CA ALA B 9 21.74 -0.59 23.43
C ALA B 9 21.51 0.15 24.75
N ARG B 10 20.81 1.29 24.67
CA ARG B 10 20.49 2.07 25.82
C ARG B 10 19.17 1.70 26.52
N GLY B 11 18.47 0.68 26.00
CA GLY B 11 17.22 0.25 26.58
C GLY B 11 16.00 1.09 26.26
N ALA B 12 16.09 1.91 25.21
CA ALA B 12 15.05 2.86 24.87
C ALA B 12 14.05 2.38 23.84
N VAL B 13 14.24 1.17 23.32
CA VAL B 13 13.45 0.67 22.18
C VAL B 13 12.74 -0.63 22.56
N THR B 14 11.41 -0.68 22.38
CA THR B 14 10.69 -1.90 22.66
C THR B 14 10.98 -2.97 21.56
N ALA B 15 10.48 -4.17 21.79
CA ALA B 15 10.62 -5.24 20.81
C ALA B 15 10.05 -4.86 19.43
N VAL B 16 10.63 -5.47 18.42
CA VAL B 16 10.10 -5.40 17.06
C VAL B 16 8.74 -6.06 17.00
N LYS B 17 7.81 -5.38 16.36
CA LYS B 17 6.42 -5.80 16.28
C LYS B 17 6.05 -6.31 14.87
N ASP B 18 4.78 -6.70 14.73
CA ASP B 18 4.26 -7.28 13.48
C ASP B 18 2.97 -6.58 13.14
N GLN B 19 2.98 -5.74 12.10
CA GLN B 19 1.75 -5.16 11.62
C GLN B 19 0.77 -6.18 11.04
N GLY B 20 1.28 -7.32 10.63
CA GLY B 20 0.45 -8.33 9.96
C GLY B 20 0.05 -7.86 8.58
N GLN B 21 -1.08 -8.40 8.10
CA GLN B 21 -1.58 -8.11 6.77
C GLN B 21 -2.45 -6.84 6.76
N CYS B 22 -1.88 -5.72 7.20
CA CYS B 22 -2.54 -4.46 7.43
C CYS B 22 -1.54 -3.37 7.14
N GLY B 23 -1.90 -2.35 6.38
CA GLY B 23 -1.01 -1.27 6.04
C GLY B 23 -0.95 -0.22 7.14
N SER B 24 -0.69 -0.67 8.36
CA SER B 24 -0.71 0.20 9.57
C SER B 24 0.70 0.63 9.98
N CYS B 25 1.64 0.49 9.05
CA CYS B 25 3.03 0.93 9.25
C CYS B 25 3.11 2.32 9.90
N TRP B 26 2.29 3.25 9.43
CA TRP B 26 2.26 4.61 9.94
C TRP B 26 2.00 4.65 11.45
N ALA B 27 1.11 3.77 11.91
CA ALA B 27 0.75 3.72 13.33
C ALA B 27 1.89 3.08 14.12
N PHE B 28 2.53 2.05 13.57
CA PHE B 28 3.68 1.40 14.22
C PHE B 28 4.84 2.39 14.34
N SER B 29 5.07 3.20 13.32
CA SER B 29 6.16 4.20 13.36
C SER B 29 5.88 5.25 14.43
N ALA B 30 4.66 5.83 14.44
CA ALA B 30 4.30 6.87 15.41
C ALA B 30 4.39 6.33 16.82
N ILE B 31 3.83 5.14 17.05
CA ILE B 31 3.78 4.56 18.40
C ILE B 31 5.18 4.20 18.86
N GLY B 32 6.02 3.64 17.99
CA GLY B 32 7.39 3.33 18.39
C GLY B 32 8.11 4.58 18.83
N ASN B 33 7.93 5.68 18.11
CA ASN B 33 8.50 6.95 18.51
C ASN B 33 7.98 7.39 19.85
N VAL B 34 6.67 7.33 20.11
CA VAL B 34 6.17 7.76 21.40
C VAL B 34 6.76 6.90 22.54
N GLU B 35 6.83 5.60 22.30
CA GLU B 35 7.40 4.69 23.33
C GLU B 35 8.78 5.14 23.73
N CYS B 36 9.61 5.46 22.72
CA CYS B 36 10.98 5.81 22.99
C CYS B 36 11.03 7.18 23.68
N GLN B 37 10.25 8.15 23.21
CA GLN B 37 10.23 9.48 23.83
C GLN B 37 9.77 9.41 25.28
N TRP B 38 8.80 8.54 25.56
CA TRP B 38 8.28 8.41 26.94
C TRP B 38 9.36 7.84 27.89
N PHE B 39 10.08 6.82 27.43
CA PHE B 39 11.20 6.29 28.18
C PHE B 39 12.26 7.38 28.41
N LEU B 40 12.55 8.17 27.39
CA LEU B 40 13.61 9.17 27.50
C LEU B 40 13.23 10.34 28.38
N ALA B 41 11.94 10.47 28.76
CA ALA B 41 11.50 11.50 29.73
C ALA B 41 11.62 10.96 31.15
N GLY B 42 12.19 9.77 31.30
CA GLY B 42 12.48 9.14 32.60
C GLY B 42 11.51 8.11 33.10
N HIS B 43 10.57 7.69 32.23
CA HIS B 43 9.56 6.73 32.59
C HIS B 43 9.96 5.33 32.17
N PRO B 44 9.37 4.28 32.77
CA PRO B 44 9.71 2.93 32.31
C PRO B 44 9.30 2.67 30.87
N LEU B 45 10.10 1.91 30.17
CA LEU B 45 9.79 1.52 28.78
C LEU B 45 8.54 0.64 28.75
N THR B 46 7.55 1.08 27.95
CA THR B 46 6.22 0.52 27.94
C THR B 46 5.73 0.38 26.49
N ASN B 47 5.16 -0.77 26.15
CA ASN B 47 4.53 -0.94 24.86
C ASN B 47 3.20 -0.16 24.85
N LEU B 48 2.98 0.59 23.76
CA LEU B 48 1.82 1.45 23.59
C LEU B 48 0.95 0.92 22.46
N SER B 49 -0.23 1.51 22.27
CA SER B 49 -1.26 0.96 21.39
C SER B 49 -1.32 1.49 19.95
N GLU B 50 -0.82 0.68 19.02
CA GLU B 50 -1.03 0.96 17.62
C GLU B 50 -2.53 0.89 17.28
N GLN B 51 -3.25 -0.02 17.92
CA GLN B 51 -4.67 -0.22 17.59
C GLN B 51 -5.50 1.05 17.88
N MET B 52 -5.13 1.81 18.94
CA MET B 52 -5.80 3.09 19.24
C MET B 52 -5.80 3.96 17.98
N LEU B 53 -4.66 4.06 17.32
CA LEU B 53 -4.58 4.87 16.10
C LEU B 53 -5.32 4.27 14.94
N VAL B 54 -5.08 3.00 14.71
CA VAL B 54 -5.70 2.32 13.56
C VAL B 54 -7.23 2.43 13.65
N SER B 55 -7.79 2.16 14.83
CA SER B 55 -9.24 2.19 14.99
C SER B 55 -9.82 3.59 15.10
N CYS B 56 -9.12 4.51 15.78
CA CYS B 56 -9.73 5.76 16.24
C CYS B 56 -9.33 7.04 15.51
N ASP B 57 -8.17 7.05 14.86
CA ASP B 57 -7.66 8.25 14.18
C ASP B 57 -8.28 8.25 12.79
N LYS B 58 -9.38 8.97 12.64
CA LYS B 58 -10.08 9.01 11.38
C LYS B 58 -9.50 10.03 10.40
N THR B 59 -8.44 10.75 10.78
CA THR B 59 -7.64 11.54 9.84
C THR B 59 -6.67 10.68 9.04
N ASP B 60 -6.49 9.44 9.46
CA ASP B 60 -5.74 8.43 8.75
C ASP B 60 -6.68 7.30 8.30
N SER B 61 -6.13 6.35 7.57
CA SER B 61 -6.94 5.36 6.88
C SER B 61 -6.67 3.93 7.34
N GLY B 62 -6.37 3.71 8.60
CA GLY B 62 -6.30 2.37 9.11
C GLY B 62 -5.35 1.45 8.39
N CYS B 63 -5.85 0.28 7.95
CA CYS B 63 -5.05 -0.70 7.20
C CYS B 63 -4.77 -0.27 5.77
N SER B 64 -5.27 0.89 5.35
CA SER B 64 -4.98 1.45 4.03
C SER B 64 -4.09 2.67 4.08
N GLY B 65 -3.39 2.87 5.20
CA GLY B 65 -2.33 3.92 5.23
C GLY B 65 -2.61 5.15 6.04
N GLY B 66 -1.57 5.96 6.24
CA GLY B 66 -1.68 7.15 7.01
C GLY B 66 -0.37 7.89 7.03
N LEU B 67 -0.34 8.93 7.83
CA LEU B 67 0.87 9.75 7.99
C LEU B 67 1.16 9.86 9.49
N MET B 68 2.43 9.66 9.85
CA MET B 68 2.81 9.77 11.25
C MET B 68 2.53 11.13 11.81
N ASN B 69 2.73 12.18 10.99
CA ASN B 69 2.40 13.50 11.46
C ASN B 69 0.91 13.72 11.75
N ASN B 70 0.05 13.09 10.94
CA ASN B 70 -1.38 13.12 11.24
C ASN B 70 -1.66 12.39 12.54
N ALA B 71 -0.98 11.26 12.75
CA ALA B 71 -1.19 10.49 13.98
C ALA B 71 -0.84 11.31 15.23
N PHE B 72 0.31 11.97 15.21
CA PHE B 72 0.68 12.81 16.36
C PHE B 72 -0.31 13.95 16.61
N GLU B 73 -0.78 14.57 15.51
CA GLU B 73 -1.78 15.62 15.58
C GLU B 73 -3.11 15.10 16.16
N TRP B 74 -3.51 13.87 15.77
CA TRP B 74 -4.76 13.31 16.27
C TRP B 74 -4.63 13.08 17.77
N ILE B 75 -3.49 12.55 18.20
CA ILE B 75 -3.32 12.26 19.63
C ILE B 75 -3.54 13.50 20.50
N VAL B 76 -2.93 14.60 20.05
CA VAL B 76 -2.99 15.85 20.81
C VAL B 76 -4.35 16.51 20.65
N GLN B 77 -4.86 16.55 19.42
CA GLN B 77 -6.05 17.33 19.12
C GLN B 77 -7.33 16.63 19.49
N GLU B 78 -7.38 15.32 19.32
CA GLU B 78 -8.58 14.54 19.53
C GLU B 78 -8.55 13.62 20.75
N ASN B 79 -7.36 13.29 21.25
CA ASN B 79 -7.26 12.42 22.40
C ASN B 79 -6.59 13.02 23.63
N ASN B 80 -6.56 14.33 23.72
CA ASN B 80 -6.04 15.02 24.93
C ASN B 80 -4.60 14.66 25.21
N GLY B 81 -3.85 14.27 24.15
CA GLY B 81 -2.46 13.93 24.28
C GLY B 81 -2.21 12.50 24.72
N ALA B 82 -3.25 11.75 24.99
CA ALA B 82 -3.13 10.39 25.58
C ALA B 82 -2.83 9.32 24.56
N VAL B 83 -1.92 8.44 24.95
CA VAL B 83 -1.60 7.24 24.17
C VAL B 83 -1.77 6.04 25.09
N TYR B 84 -2.69 5.16 24.76
CA TYR B 84 -2.97 4.01 25.61
C TYR B 84 -1.89 2.97 25.59
N THR B 85 -1.77 2.22 26.68
CA THR B 85 -0.90 1.09 26.71
C THR B 85 -1.37 0.00 25.71
N GLU B 86 -0.42 -0.77 25.21
CA GLU B 86 -0.75 -1.92 24.36
C GLU B 86 -1.73 -2.85 25.07
N ASP B 87 -1.43 -3.22 26.32
CA ASP B 87 -2.24 -4.20 27.00
C ASP B 87 -3.64 -3.69 27.32
N SER B 88 -3.87 -2.38 27.27
CA SER B 88 -5.23 -1.87 27.43
C SER B 88 -6.00 -1.59 26.15
N TYR B 89 -5.33 -1.78 25.01
CA TYR B 89 -5.97 -1.61 23.71
C TYR B 89 -5.19 -2.44 22.68
N PRO B 90 -5.29 -3.79 22.75
CA PRO B 90 -4.34 -4.64 22.08
C PRO B 90 -4.56 -4.70 20.57
N TYR B 91 -3.49 -4.93 19.86
CA TYR B 91 -3.53 -4.98 18.43
C TYR B 91 -4.35 -6.16 17.94
N ALA B 92 -5.27 -5.87 17.02
CA ALA B 92 -6.22 -6.85 16.51
C ALA B 92 -6.46 -6.72 15.03
N SER B 93 -5.55 -6.04 14.32
CA SER B 93 -5.75 -5.79 12.89
C SER B 93 -4.84 -6.62 12.00
N GLY B 94 -4.20 -7.65 12.53
CA GLY B 94 -3.21 -8.44 11.78
C GLY B 94 -3.75 -9.23 10.62
N GLU B 95 -5.05 -9.45 10.56
CA GLU B 95 -5.67 -10.09 9.40
C GLU B 95 -6.33 -9.08 8.47
N GLY B 96 -6.00 -7.82 8.65
CA GLY B 96 -6.46 -6.76 7.77
C GLY B 96 -7.74 -6.08 8.09
N ILE B 97 -8.39 -6.51 9.18
CA ILE B 97 -9.61 -5.94 9.62
C ILE B 97 -9.46 -5.28 10.99
N SER B 98 -9.60 -3.98 11.04
CA SER B 98 -9.53 -3.23 12.28
C SER B 98 -10.89 -3.26 13.01
N PRO B 99 -10.84 -3.51 14.30
CA PRO B 99 -12.09 -3.31 15.03
C PRO B 99 -12.49 -1.83 15.12
N PRO B 100 -13.75 -1.56 15.30
CA PRO B 100 -14.16 -0.20 15.48
C PRO B 100 -13.56 0.42 16.72
N CYS B 101 -13.46 1.73 16.68
CA CYS B 101 -12.97 2.51 17.82
C CYS B 101 -13.85 2.35 19.05
N THR B 102 -13.23 2.11 20.18
CA THR B 102 -13.89 2.21 21.47
C THR B 102 -13.15 3.25 22.31
N THR B 103 -13.88 4.19 22.90
CA THR B 103 -13.26 5.21 23.76
C THR B 103 -13.14 4.74 25.17
N SER B 104 -13.93 3.71 25.56
CA SER B 104 -13.91 3.18 26.92
C SER B 104 -13.02 1.95 27.05
N GLY B 105 -12.56 1.67 28.28
CA GLY B 105 -11.92 0.42 28.63
C GLY B 105 -10.39 0.40 28.44
N HIS B 106 -9.81 1.58 28.28
CA HIS B 106 -8.37 1.69 27.99
C HIS B 106 -7.63 2.45 29.11
N THR B 107 -6.31 2.39 29.10
CA THR B 107 -5.48 2.93 30.17
C THR B 107 -4.39 3.76 29.57
N VAL B 108 -4.25 5.02 29.99
CA VAL B 108 -3.22 5.88 29.44
C VAL B 108 -1.83 5.35 29.84
N GLY B 109 -0.98 5.16 28.83
CA GLY B 109 0.41 4.80 29.05
C GLY B 109 1.44 5.90 28.87
N ALA B 110 1.13 6.91 28.09
CA ALA B 110 2.04 8.04 27.85
C ALA B 110 1.21 9.21 27.45
N THR B 111 1.73 10.41 27.65
CA THR B 111 1.08 11.63 27.17
C THR B 111 2.10 12.46 26.42
N ILE B 112 1.66 13.05 25.30
CA ILE B 112 2.49 13.93 24.50
C ILE B 112 1.79 15.29 24.39
N THR B 113 2.60 16.32 24.18
CA THR B 113 2.11 17.68 24.06
C THR B 113 2.09 18.25 22.64
N GLY B 114 2.73 17.56 21.70
CA GLY B 114 2.86 18.03 20.35
C GLY B 114 3.86 17.16 19.63
N HIS B 115 4.33 17.63 18.49
CA HIS B 115 5.39 16.93 17.75
C HIS B 115 6.22 17.97 17.00
N VAL B 116 7.45 17.57 16.67
CA VAL B 116 8.35 18.40 15.89
C VAL B 116 8.59 17.75 14.53
N GLU B 117 8.64 18.55 13.48
CA GLU B 117 8.96 18.10 12.14
C GLU B 117 10.40 18.57 11.85
N LEU B 118 11.31 17.61 11.65
CA LEU B 118 12.76 17.87 11.59
C LEU B 118 13.14 18.36 10.18
N PRO B 119 14.25 19.10 10.08
CA PRO B 119 14.70 19.57 8.77
C PRO B 119 15.00 18.39 7.84
N GLN B 120 14.87 18.63 6.54
CA GLN B 120 15.18 17.62 5.53
C GLN B 120 16.66 17.55 5.28
N ASP B 121 17.38 17.05 6.29
CA ASP B 121 18.82 17.13 6.36
C ASP B 121 19.33 15.99 7.25
N GLU B 122 20.03 15.04 6.67
CA GLU B 122 20.45 13.84 7.41
C GLU B 122 21.36 14.16 8.59
N ALA B 123 22.28 15.08 8.42
CA ALA B 123 23.13 15.42 9.52
C ALA B 123 22.37 16.09 10.67
N GLN B 124 21.48 16.98 10.37
CA GLN B 124 20.68 17.61 11.45
C GLN B 124 19.78 16.57 12.12
N ILE B 125 19.14 15.71 11.35
CA ILE B 125 18.35 14.60 11.93
C ILE B 125 19.19 13.74 12.88
N ALA B 126 20.41 13.39 12.47
CA ALA B 126 21.27 12.55 13.29
C ALA B 126 21.65 13.28 14.59
N ALA B 127 22.01 14.55 14.48
CA ALA B 127 22.39 15.31 15.66
C ALA B 127 21.19 15.43 16.63
N TRP B 128 20.01 15.62 16.09
CA TRP B 128 18.82 15.68 16.92
C TRP B 128 18.58 14.33 17.61
N LEU B 129 18.71 13.26 16.85
CA LEU B 129 18.49 11.91 17.37
C LEU B 129 19.46 11.60 18.53
N ALA B 130 20.73 12.03 18.40
CA ALA B 130 21.72 11.71 19.41
C ALA B 130 21.33 12.34 20.77
N VAL B 131 20.70 13.48 20.75
CA VAL B 131 20.29 14.21 21.96
C VAL B 131 18.89 13.84 22.43
N ASN B 132 18.00 13.66 21.47
CA ASN B 132 16.55 13.61 21.77
C ASN B 132 15.88 12.26 21.50
N GLY B 133 16.59 11.35 20.86
CA GLY B 133 16.12 9.98 20.69
C GLY B 133 15.56 9.60 19.34
N PRO B 134 15.00 8.40 19.25
CA PRO B 134 14.45 7.86 17.98
C PRO B 134 13.45 8.78 17.28
N VAL B 135 13.51 8.74 15.95
CA VAL B 135 12.78 9.62 15.07
C VAL B 135 11.88 8.83 14.11
N ALA B 136 10.61 9.21 14.00
CA ALA B 136 9.71 8.59 13.02
C ALA B 136 10.11 9.13 11.64
N VAL B 137 10.23 8.23 10.65
CA VAL B 137 10.53 8.64 9.28
C VAL B 137 9.69 7.91 8.26
N ALA B 138 9.26 8.65 7.24
CA ALA B 138 8.70 8.03 6.06
C ALA B 138 9.86 7.64 5.14
N VAL B 139 9.67 6.53 4.47
CA VAL B 139 10.64 6.03 3.48
C VAL B 139 9.93 5.45 2.26
N ASP B 140 10.68 5.34 1.15
CA ASP B 140 10.31 4.43 0.05
C ASP B 140 10.88 3.06 0.41
N ALA B 141 10.03 2.15 0.80
CA ALA B 141 10.43 0.78 1.12
C ALA B 141 10.10 -0.28 0.02
N SER B 142 9.73 0.23 -1.16
CA SER B 142 9.40 -0.69 -2.25
C SER B 142 10.47 -1.69 -2.59
N SER B 143 11.73 -1.28 -2.40
CA SER B 143 12.89 -2.16 -2.74
C SER B 143 13.42 -2.93 -1.52
N TRP B 144 12.61 -3.05 -0.46
CA TRP B 144 13.03 -3.78 0.74
C TRP B 144 12.57 -5.24 0.79
N MET B 145 12.11 -5.77 -0.35
CA MET B 145 11.44 -7.06 -0.30
C MET B 145 12.38 -8.28 -0.19
N THR B 146 13.66 -8.13 -0.52
CA THR B 146 14.60 -9.25 -0.48
C THR B 146 15.69 -9.08 0.58
N TYR B 147 15.63 -7.98 1.33
CA TYR B 147 16.66 -7.64 2.27
C TYR B 147 16.73 -8.67 3.38
N THR B 148 17.96 -9.15 3.63
CA THR B 148 18.21 -10.03 4.76
C THR B 148 19.30 -9.52 5.68
N GLY B 149 20.03 -8.50 5.28
CA GLY B 149 21.15 -8.03 6.09
C GLY B 149 22.13 -7.20 5.31
N GLY B 150 23.02 -6.54 6.04
CA GLY B 150 24.01 -5.64 5.48
C GLY B 150 23.54 -4.23 5.37
N VAL B 151 24.39 -3.37 4.84
CA VAL B 151 24.08 -1.97 4.66
C VAL B 151 23.58 -1.74 3.26
N MET B 152 22.31 -1.35 3.15
CA MET B 152 21.70 -1.14 1.83
C MET B 152 22.23 0.14 1.22
N THR B 153 22.73 0.07 -0.03
CA THR B 153 23.32 1.25 -0.67
C THR B 153 22.63 1.73 -1.95
N SER B 154 21.69 0.95 -2.45
CA SER B 154 20.98 1.33 -3.69
C SER B 154 19.48 1.31 -3.53
N CYS B 155 19.01 1.84 -2.40
CA CYS B 155 17.58 1.83 -2.13
C CYS B 155 16.83 2.60 -3.22
N VAL B 156 15.73 2.03 -3.74
CA VAL B 156 14.89 2.79 -4.67
C VAL B 156 14.26 3.94 -3.91
N SER B 157 14.51 5.16 -4.36
CA SER B 157 14.18 6.35 -3.62
C SER B 157 13.26 7.28 -4.41
N GLU B 158 12.02 6.84 -4.58
CA GLU B 158 11.09 7.50 -5.52
C GLU B 158 9.77 8.02 -4.96
N GLN B 159 9.18 7.25 -4.04
CA GLN B 159 7.88 7.58 -3.49
C GLN B 159 7.81 7.09 -2.02
N LEU B 160 7.50 8.00 -1.11
CA LEU B 160 7.33 7.65 0.28
C LEU B 160 6.14 6.72 0.36
N ASP B 161 6.31 5.53 0.94
CA ASP B 161 5.25 4.55 0.97
C ASP B 161 5.17 3.70 2.26
N HIS B 162 6.02 4.07 3.22
CA HIS B 162 6.21 3.31 4.45
C HIS B 162 6.63 4.24 5.57
N GLY B 163 6.35 3.85 6.81
CA GLY B 163 6.78 4.53 8.00
C GLY B 163 7.52 3.55 8.89
N VAL B 164 8.68 4.00 9.38
CA VAL B 164 9.61 3.23 10.22
C VAL B 164 10.21 4.22 11.27
N LEU B 165 11.12 3.67 12.07
CA LEU B 165 11.71 4.43 13.17
C LEU B 165 13.26 4.39 13.12
N LEU B 166 13.85 5.57 13.00
CA LEU B 166 15.32 5.68 13.15
C LEU B 166 15.65 5.48 14.61
N VAL B 167 16.51 4.51 14.90
CA VAL B 167 16.95 4.26 16.28
C VAL B 167 18.42 4.45 16.48
N GLY B 168 19.19 4.77 15.44
CA GLY B 168 20.61 5.02 15.62
C GLY B 168 21.30 5.26 14.31
N TYR B 169 22.60 5.50 14.38
CA TYR B 169 23.44 5.68 13.19
C TYR B 169 24.88 5.35 13.58
N ASN B 170 25.72 5.14 12.59
CA ASN B 170 27.14 4.92 12.79
C ASN B 170 27.90 5.59 11.70
N ASP B 171 28.54 6.71 12.03
CA ASP B 171 29.34 7.50 11.07
C ASP B 171 30.77 7.01 10.96
N SER B 172 31.17 6.02 11.78
CA SER B 172 32.58 5.55 11.80
C SER B 172 32.77 4.40 10.87
N ALA B 173 31.66 3.74 10.51
CA ALA B 173 31.74 2.56 9.66
C ALA B 173 32.25 2.91 8.27
N ALA B 174 32.78 1.89 7.59
CA ALA B 174 33.33 2.05 6.24
C ALA B 174 32.31 2.73 5.31
N VAL B 175 31.09 2.21 5.38
CA VAL B 175 29.92 2.86 4.80
C VAL B 175 29.01 3.29 5.98
N PRO B 176 28.97 4.59 6.27
CA PRO B 176 28.14 5.05 7.40
C PRO B 176 26.69 4.67 7.17
N TYR B 177 25.97 4.42 8.23
CA TYR B 177 24.61 3.89 8.08
C TYR B 177 23.67 4.39 9.17
N TRP B 178 22.37 4.38 8.82
CA TRP B 178 21.28 4.55 9.77
C TRP B 178 20.85 3.16 10.24
N ILE B 179 20.32 3.07 11.47
CA ILE B 179 19.70 1.86 12.01
C ILE B 179 18.21 2.12 12.14
N ILE B 180 17.41 1.25 11.51
CA ILE B 180 15.96 1.46 11.37
C ILE B 180 15.19 0.24 11.90
N LYS B 181 14.23 0.55 12.81
CA LYS B 181 13.29 -0.45 13.31
C LYS B 181 12.10 -0.56 12.36
N ASN B 182 11.89 -1.76 11.78
CA ASN B 182 10.74 -2.04 10.95
C ASN B 182 9.69 -2.76 11.80
N SER B 183 8.50 -2.96 11.22
CA SER B 183 7.37 -3.59 11.90
C SER B 183 6.87 -4.82 11.14
N TRP B 184 7.85 -5.61 10.63
CA TRP B 184 7.56 -6.79 9.79
C TRP B 184 8.08 -8.07 10.47
N THR B 185 8.06 -8.08 11.80
CA THR B 185 8.56 -9.14 12.66
C THR B 185 10.08 -9.18 12.73
N THR B 186 10.59 -9.94 13.70
CA THR B 186 12.06 -10.18 13.78
C THR B 186 12.59 -11.11 12.70
N GLN B 187 11.70 -11.77 11.98
CA GLN B 187 12.10 -12.66 10.89
C GLN B 187 12.66 -11.88 9.70
N TRP B 188 12.33 -10.59 9.57
CA TRP B 188 12.74 -9.78 8.45
C TRP B 188 14.03 -9.03 8.77
N GLY B 189 14.94 -8.94 7.81
CA GLY B 189 16.10 -8.10 8.00
C GLY B 189 17.00 -8.63 9.11
N GLU B 190 17.60 -7.68 9.81
CA GLU B 190 18.52 -7.99 10.89
C GLU B 190 17.77 -8.04 12.19
N GLU B 191 17.18 -9.21 12.53
CA GLU B 191 16.30 -9.28 13.69
C GLU B 191 15.23 -8.18 13.70
N GLY B 192 14.71 -7.83 12.52
CA GLY B 192 13.62 -6.84 12.44
C GLY B 192 14.05 -5.46 12.01
N TYR B 193 15.37 -5.24 11.95
CA TYR B 193 15.99 -3.97 11.66
C TYR B 193 16.63 -3.98 10.27
N ILE B 194 16.81 -2.79 9.75
CA ILE B 194 17.55 -2.59 8.49
C ILE B 194 18.57 -1.50 8.70
N ARG B 195 19.76 -1.70 8.11
CA ARG B 195 20.71 -0.60 8.01
C ARG B 195 20.73 -0.11 6.57
N ILE B 196 20.53 1.18 6.41
CA ILE B 196 20.66 1.80 5.09
C ILE B 196 21.79 2.81 5.14
N ALA B 197 22.49 2.99 4.02
CA ALA B 197 23.54 4.01 4.00
C ALA B 197 23.04 5.40 4.39
N LYS B 198 23.92 6.15 5.07
CA LYS B 198 23.65 7.48 5.57
C LYS B 198 24.47 8.48 4.75
N GLY B 199 23.82 9.57 4.36
CA GLY B 199 24.43 10.63 3.59
C GLY B 199 24.08 10.75 2.13
N SER B 200 23.27 9.82 1.62
CA SER B 200 22.85 9.81 0.21
C SER B 200 21.33 9.85 0.04
N ASN B 201 20.63 10.19 1.11
CA ASN B 201 19.15 10.21 1.13
C ASN B 201 18.54 8.89 0.68
N GLN B 202 19.14 7.77 1.10
CA GLN B 202 18.67 6.45 0.79
C GLN B 202 17.22 6.34 1.18
N CYS B 203 16.41 5.81 0.27
CA CYS B 203 14.96 5.61 0.55
C CYS B 203 14.18 6.88 0.91
N LEU B 204 14.69 8.08 0.58
CA LEU B 204 14.09 9.35 0.90
C LEU B 204 13.96 9.55 2.43
N VAL B 205 14.91 8.99 3.17
CA VAL B 205 14.87 8.95 4.64
C VAL B 205 14.82 10.34 5.27
N LYS B 206 15.40 11.37 4.61
CA LYS B 206 15.37 12.72 5.19
C LYS B 206 14.07 13.54 5.03
N GLU B 207 13.17 13.05 4.17
CA GLU B 207 12.07 13.88 3.66
C GLU B 207 10.95 14.18 4.63
N GLU B 208 10.65 13.25 5.56
CA GLU B 208 9.49 13.39 6.42
C GLU B 208 9.79 12.79 7.79
N ALA B 209 10.68 13.47 8.50
CA ALA B 209 11.22 13.00 9.79
C ALA B 209 10.54 13.82 10.88
N SER B 210 10.04 13.15 11.92
CA SER B 210 9.39 13.84 13.00
C SER B 210 9.45 13.06 14.31
N SER B 211 9.06 13.74 15.39
CA SER B 211 9.02 13.12 16.69
C SER B 211 7.95 13.75 17.57
N ALA B 212 7.27 12.91 18.33
CA ALA B 212 6.44 13.41 19.45
C ALA B 212 7.31 14.16 20.45
N VAL B 213 6.64 15.03 21.20
CA VAL B 213 7.23 15.76 22.33
C VAL B 213 6.48 15.35 23.58
N VAL B 214 7.24 14.89 24.57
CA VAL B 214 6.73 14.58 25.89
C VAL B 214 7.19 15.80 26.76
N GLY B 215 6.23 16.31 27.46
CA GLY B 215 6.45 17.37 28.44
C GLY B 215 6.53 18.73 27.79
O5 4MC C . -0.80 -3.94 -3.09
S1 4MC C . -2.21 -4.18 -3.34
O4 4MC C . -2.45 -5.28 -4.31
CAB 4MC C . -3.00 -4.45 -1.84
CAD 4MC C . -4.24 -3.93 -1.59
CAF 4MC C . -4.86 -4.14 -0.36
CAE 4MC C . -4.26 -4.93 0.58
CAC 4MC C . -2.99 -5.44 0.35
CAA 4MC C . -2.36 -5.23 -0.89
C28 4MC C . -2.91 -2.71 -4.05
C27 4MC C . -2.03 -2.10 -5.18
C18 4MC C . -1.54 -0.64 -4.86
C19 4MC C . -0.63 -0.68 -3.58
C20 4MC C . 0.23 0.61 -3.57
C21 4MC C . 1.14 0.69 -2.36
C26 4MC C . 0.91 1.73 -1.46
C25 4MC C . 1.73 1.85 -0.32
C24 4MC C . 2.76 0.98 -0.14
C23 4MC C . 2.98 -0.06 -1.02
C22 4MC C . 2.19 -0.20 -2.17
N2 4MC C . -2.68 0.22 -4.55
C17 4MC C . -3.11 1.18 -5.40
O3 4MC C . -2.17 1.42 -6.48
C9 4MC C . -4.02 2.28 -5.36
C10 4MC C . -5.10 1.76 -6.33
C11 4MC C . -6.43 2.51 -6.05
C01 4MC C . -6.60 3.69 -7.01
N01 4MC C . -7.68 4.60 -6.64
C02 4MC C . -7.56 5.57 -5.74
N03 4MC C . -8.52 6.47 -5.66
N02 4MC C . -6.50 5.62 -4.91
N1 4MC C . -3.59 3.55 -5.56
C8 4MC C . -2.65 4.00 -4.77
O2 4MC C . -2.17 3.30 -3.88
N3 4MC C . -2.23 5.25 -4.90
C39 4MC C . -1.14 5.77 -4.06
C40 4MC C . -1.53 7.14 -3.55
C48 4MC C . -2.92 6.14 -5.82
C49 4MC C . -3.16 7.51 -5.24
N4 4MC C . -1.90 8.00 -4.70
C33 4MC C . -2.20 9.35 -4.12
C1 EDO D . 2.76 -11.39 -14.46
O1 EDO D . 1.89 -12.37 -13.86
C2 EDO D . 2.18 -10.87 -15.78
O2 EDO D . 1.85 -11.94 -16.74
C1 EDO E . -17.20 -12.01 -27.37
O1 EDO E . -16.56 -11.89 -28.58
C2 EDO E . -18.65 -12.38 -27.55
O2 EDO E . -19.24 -12.68 -26.28
C1 EDO F . 0.71 -12.62 -4.86
O1 EDO F . 2.15 -12.65 -4.95
C2 EDO F . 0.26 -11.32 -4.28
O2 EDO F . 0.95 -10.21 -4.82
C1 EDO G . 0.50 -2.39 0.02
O1 EDO G . 1.07 -3.39 -0.87
C2 EDO G . 0.92 -2.63 1.45
O2 EDO G . 0.81 -4.04 1.69
C1 EDO H . -16.95 -14.39 1.88
O1 EDO H . -16.56 -13.24 2.68
C2 EDO H . -18.17 -15.08 2.43
O2 EDO H . -17.86 -15.76 3.65
S SO4 I . -5.12 -9.12 -35.47
O1 SO4 I . -4.88 -8.83 -36.88
O2 SO4 I . -4.98 -7.96 -34.66
O3 SO4 I . -6.51 -9.53 -35.28
O4 SO4 I . -4.29 -10.22 -35.02
S SO4 J . -31.40 -12.74 -19.88
O1 SO4 J . -32.15 -12.14 -20.95
O2 SO4 J . -30.04 -12.38 -20.22
O3 SO4 J . -31.82 -12.15 -18.63
O4 SO4 J . -31.52 -14.20 -19.84
S SO4 K . -4.57 -0.86 -34.92
O1 SO4 K . -4.14 -0.04 -36.04
O2 SO4 K . -3.53 -1.23 -33.95
O3 SO4 K . -5.64 -0.14 -34.23
O4 SO4 K . -5.09 -2.16 -35.43
S SO4 L . -22.12 -19.63 -2.76
O1 SO4 L . -22.50 -19.02 -4.04
O2 SO4 L . -20.69 -19.93 -2.68
O3 SO4 L . -22.43 -18.70 -1.67
O4 SO4 L . -22.88 -20.86 -2.52
O5 4MC M . 2.37 -1.92 4.12
S1 4MC M . 3.73 -1.36 4.30
O4 4MC M . 4.37 -1.88 5.50
CAB 4MC M . 4.68 -1.66 2.87
CAD 4MC M . 5.56 -0.74 2.32
CAF 4MC M . 6.32 -1.03 1.18
CAE 4MC M . 6.19 -2.27 0.58
CAC 4MC M . 5.29 -3.17 1.11
CAA 4MC M . 4.55 -2.85 2.25
C28 4MC M . 3.59 0.44 4.42
C27 4MC M . 2.45 0.89 5.34
C18 4MC M . 1.34 1.73 4.61
C19 4MC M . 0.70 0.87 3.49
C20 4MC M . -0.68 1.46 3.15
C21 4MC M . -1.41 0.77 2.02
C26 4MC M . -1.66 1.42 0.85
C25 4MC M . -2.36 0.80 -0.18
C24 4MC M . -2.84 -0.48 -0.03
C23 4MC M . -2.62 -1.14 1.18
C22 4MC M . -1.91 -0.49 2.20
N2 4MC M . 2.02 2.87 3.98
C17 4MC M . 1.86 4.12 4.42
O3 4MC M . 0.80 4.28 5.43
C9 4MC M . 2.22 5.41 3.97
C10 4MC M . 3.30 5.85 4.95
C11 4MC M . 4.15 6.95 4.33
C01 4MC M . 3.68 8.29 4.90
N01 4MC M . 4.22 9.49 4.21
C02 4MC M . 3.77 9.90 3.04
N03 4MC M . 4.19 11.07 2.56
N02 4MC M . 2.90 9.20 2.28
N1 4MC M . 1.25 6.32 3.75
C8 4MC M . 0.24 6.06 2.93
O2 4MC M . 0.21 5.01 2.34
N3 4MC M . -0.74 6.96 2.71
C39 4MC M . -1.87 6.62 1.83
C40 4MC M . -2.93 7.78 1.92
C48 4MC M . -0.59 8.34 3.21
C49 4MC M . -0.93 9.33 2.13
N4 4MC M . -2.34 9.16 1.74
C33 4MC M . -2.59 9.90 0.45
C1 EDO N . 1.63 -5.23 17.94
O1 EDO N . 2.11 -6.54 17.63
C2 EDO N . 1.32 -5.16 19.40
O2 EDO N . 2.47 -5.40 20.24
C1 EDO O . 21.34 18.76 19.01
O1 EDO O . 20.61 19.40 20.05
C2 EDO O . 20.89 19.37 17.71
O2 EDO O . 19.54 18.93 17.47
C1 EDO P . -15.31 -3.26 19.05
O1 EDO P . -16.05 -4.29 18.36
C2 EDO P . -15.15 -3.63 20.52
O2 EDO P . -16.44 -3.57 21.15
C1 EDO Q . -9.40 -1.79 31.25
O1 EDO Q . -10.10 -2.55 32.19
C2 EDO Q . -9.35 -0.34 31.69
O2 EDO Q . -10.68 0.19 31.67
C1 EDO R . 16.62 0.82 31.54
O1 EDO R . 16.81 -0.29 30.65
C2 EDO R . 16.74 0.30 32.97
O2 EDO R . 15.65 -0.58 33.28
C1 EDO S . -7.92 10.95 27.18
O1 EDO S . -9.07 11.26 26.41
C2 EDO S . -7.77 9.45 27.18
O2 EDO S . -8.34 8.84 28.34
C1 EDO T . 8.45 -2.75 26.82
O1 EDO T . 9.67 -3.27 26.25
C2 EDO T . 8.05 -3.49 28.07
O2 EDO T . 8.22 -4.88 27.88
C1 EDO U . 25.80 12.43 12.24
O1 EDO U . 26.11 13.12 11.05
C2 EDO U . 25.77 13.44 13.37
O2 EDO U . 25.48 14.76 12.88
C1 EDO V . 25.09 12.56 7.09
O1 EDO V . 25.73 11.37 6.73
C2 EDO V . 25.75 13.48 6.09
O2 EDO V . 24.80 14.06 5.19
C1 EDO W . 24.97 2.25 26.95
O1 EDO W . 24.22 1.86 28.09
C2 EDO W . 24.96 1.12 25.93
O2 EDO W . 26.26 0.52 25.77
C1 EDO X . 28.64 17.49 20.57
O1 EDO X . 29.39 16.33 20.17
C2 EDO X . 28.55 17.71 22.09
O2 EDO X . 27.83 16.68 22.75
C1 EDO Y . 4.06 -7.46 8.39
O1 EDO Y . 3.47 -7.09 7.15
C2 EDO Y . 4.72 -8.83 8.36
O2 EDO Y . 3.78 -9.82 8.86
S SO4 Z . -17.16 3.17 23.60
O1 SO4 Z . -16.62 4.19 22.70
O2 SO4 Z . -16.14 2.30 24.21
O3 SO4 Z . -17.78 3.85 24.80
O4 SO4 Z . -18.17 2.34 22.90
S SO4 AA . 13.58 2.40 34.17
O1 SO4 AA . 12.88 3.61 33.72
O2 SO4 AA . 15.03 2.63 34.34
O3 SO4 AA . 13.00 2.11 35.50
O4 SO4 AA . 13.33 1.11 33.48
S SO4 BA . 28.46 -5.15 7.79
O1 SO4 BA . 27.38 -5.68 6.98
O2 SO4 BA . 29.70 -5.39 7.08
O3 SO4 BA . 28.30 -3.72 7.98
O4 SO4 BA . 28.51 -5.84 9.09
#